data_1CZM
#
_entry.id   1CZM
#
_cell.length_a   81.850
_cell.length_b   75.310
_cell.length_c   37.760
_cell.angle_alpha   90.00
_cell.angle_beta   90.00
_cell.angle_gamma   90.00
#
_symmetry.space_group_name_H-M   'P 21 21 21'
#
loop_
_entity.id
_entity.type
_entity.pdbx_description
1 polymer 'CARBONIC ANHYDRASE I'
2 non-polymer 'ZINC ION'
3 non-polymer 'MERCURY (II) ION'
4 non-polymer 3-ACTOXYMERCURI-4-AMINOBENZENESULFONAMIDE
5 water water
#
_entity_poly.entity_id   1
_entity_poly.type   'polypeptide(L)'
_entity_poly.pdbx_seq_one_letter_code
;ASPDWGYDDKNGPEQWSKLYPIANGNNQSPVDIKTSETKHDTSLKPISVSYNPATAKEIINVGHSFHVNFEDNDNRSVLK
GGPFSDSYRLFQFHFHWGSTNEHGSEHTVDGVKYSAELHVAHWNSAKYSSLAEAASKADGLAVIGVLMKVGEANPKLQKV
LDALQAIKTKGKRAPFTNFDPSTLLPSSLDFWTYPGSLTHPPLYESVTWIICKESISVSSEQLAQFRSLLSNVEGDNAVP
MQHNNRPTQPLKGRTVRASF
;
_entity_poly.pdbx_strand_id   A
#
# COMPACT_ATOMS: atom_id res chain seq x y z
N ALA A 1 4.85 19.05 -8.36
CA ALA A 1 5.47 19.32 -7.03
C ALA A 1 4.76 20.51 -6.42
N SER A 2 5.33 21.15 -5.41
CA SER A 2 4.57 22.27 -4.79
C SER A 2 3.21 21.58 -4.47
N PRO A 3 3.37 20.36 -3.93
CA PRO A 3 2.23 19.51 -3.60
C PRO A 3 1.50 19.91 -2.33
N ASP A 4 0.23 20.20 -2.56
CA ASP A 4 -0.65 20.57 -1.45
C ASP A 4 -1.94 19.75 -1.72
N TRP A 5 -1.67 18.50 -1.45
CA TRP A 5 -2.67 17.41 -1.51
C TRP A 5 -2.39 16.79 -0.11
N GLY A 6 -3.44 16.37 0.50
CA GLY A 6 -3.33 15.75 1.85
C GLY A 6 -4.68 15.04 1.96
N TYR A 7 -5.14 14.81 3.14
CA TYR A 7 -6.43 14.16 3.34
C TYR A 7 -7.36 15.10 4.10
N ASP A 8 -7.04 16.38 4.20
CA ASP A 8 -7.91 17.33 4.94
C ASP A 8 -9.15 17.73 4.18
N ASP A 9 -10.05 18.45 4.87
CA ASP A 9 -11.29 18.86 4.19
C ASP A 9 -10.95 19.79 3.02
N LYS A 10 -9.81 20.43 2.99
CA LYS A 10 -9.50 21.36 1.89
C LYS A 10 -8.61 20.86 0.79
N ASN A 11 -7.76 19.89 1.03
CA ASN A 11 -6.82 19.31 0.05
C ASN A 11 -6.98 17.80 -0.13
N GLY A 12 -7.99 17.22 0.42
CA GLY A 12 -8.42 15.87 0.48
C GLY A 12 -8.87 15.19 -0.78
N PRO A 13 -9.15 13.90 -0.65
CA PRO A 13 -9.59 13.09 -1.80
C PRO A 13 -10.63 13.72 -2.71
N GLU A 14 -11.57 14.51 -2.24
CA GLU A 14 -12.61 15.12 -3.12
C GLU A 14 -12.18 16.37 -3.82
N GLN A 15 -10.99 16.85 -3.64
CA GLN A 15 -10.38 18.02 -4.23
C GLN A 15 -9.21 17.71 -5.16
N TRP A 16 -8.66 16.49 -5.09
CA TRP A 16 -7.52 16.09 -5.93
C TRP A 16 -7.66 16.35 -7.42
N SER A 17 -8.86 16.11 -7.94
CA SER A 17 -9.10 16.31 -9.40
C SER A 17 -8.81 17.75 -9.82
N LYS A 18 -8.98 18.71 -8.92
CA LYS A 18 -8.69 20.11 -9.28
C LYS A 18 -7.26 20.23 -9.80
N LEU A 19 -6.37 19.41 -9.25
CA LEU A 19 -4.94 19.39 -9.62
C LEU A 19 -4.47 18.13 -10.31
N TYR A 20 -5.16 17.02 -10.08
CA TYR A 20 -4.84 15.73 -10.74
C TYR A 20 -6.12 15.20 -11.40
N PRO A 21 -6.41 15.73 -12.58
CA PRO A 21 -7.59 15.34 -13.34
C PRO A 21 -7.72 13.84 -13.56
N ILE A 22 -6.60 13.11 -13.45
CA ILE A 22 -6.65 11.64 -13.66
C ILE A 22 -7.42 11.01 -12.48
N ALA A 23 -7.55 11.80 -11.44
CA ALA A 23 -8.30 11.35 -10.27
C ALA A 23 -9.67 10.87 -10.71
N ASN A 24 -10.19 11.34 -11.85
CA ASN A 24 -11.52 10.88 -12.32
C ASN A 24 -11.38 9.88 -13.48
N GLY A 25 -10.24 9.27 -13.63
CA GLY A 25 -9.92 8.30 -14.69
C GLY A 25 -10.83 7.08 -14.56
N ASN A 26 -10.64 6.17 -15.49
CA ASN A 26 -11.34 4.92 -15.62
C ASN A 26 -10.63 3.77 -14.92
N ASN A 27 -9.43 3.98 -14.39
CA ASN A 27 -8.73 2.85 -13.75
C ASN A 27 -8.14 3.26 -12.38
N GLN A 28 -8.98 3.96 -11.63
CA GLN A 28 -8.68 4.48 -10.30
C GLN A 28 -8.92 3.44 -9.21
N SER A 29 -8.02 3.52 -8.22
CA SER A 29 -7.98 2.66 -7.05
C SER A 29 -8.16 3.50 -5.76
N PRO A 30 -8.64 2.90 -4.67
CA PRO A 30 -9.08 1.51 -4.53
C PRO A 30 -10.48 1.33 -5.06
N VAL A 31 -10.98 0.13 -4.97
CA VAL A 31 -12.33 -0.25 -5.43
C VAL A 31 -12.99 -1.21 -4.47
N ASP A 32 -14.29 -1.38 -4.68
CA ASP A 32 -15.01 -2.34 -3.75
C ASP A 32 -15.03 -3.67 -4.54
N ILE A 33 -14.69 -4.71 -3.84
CA ILE A 33 -14.65 -6.08 -4.29
C ILE A 33 -15.89 -6.90 -3.96
N LYS A 34 -16.71 -7.05 -4.97
CA LYS A 34 -17.96 -7.78 -4.99
C LYS A 34 -17.66 -9.21 -5.40
N THR A 35 -17.65 -10.06 -4.41
CA THR A 35 -17.33 -11.48 -4.53
C THR A 35 -18.35 -12.25 -5.32
N SER A 36 -19.47 -11.62 -5.56
CA SER A 36 -20.56 -12.27 -6.35
C SER A 36 -20.22 -12.00 -7.80
N GLU A 37 -19.45 -10.95 -8.06
CA GLU A 37 -19.07 -10.55 -9.43
C GLU A 37 -17.65 -10.80 -9.82
N THR A 38 -16.84 -11.45 -8.98
CA THR A 38 -15.43 -11.71 -9.39
C THR A 38 -15.42 -12.82 -10.44
N LYS A 39 -14.30 -12.96 -11.16
CA LYS A 39 -14.29 -14.02 -12.21
C LYS A 39 -13.08 -14.91 -12.00
N HIS A 40 -13.33 -16.21 -11.96
CA HIS A 40 -12.27 -17.21 -11.74
C HIS A 40 -11.43 -17.34 -12.98
N ASP A 41 -10.16 -17.00 -12.88
CA ASP A 41 -9.22 -17.13 -14.02
C ASP A 41 -8.34 -18.33 -13.67
N THR A 42 -8.38 -19.37 -14.50
CA THR A 42 -7.56 -20.56 -14.22
C THR A 42 -6.13 -20.42 -14.71
N SER A 43 -5.72 -19.31 -15.31
CA SER A 43 -4.29 -19.21 -15.73
C SER A 43 -3.42 -18.62 -14.61
N LEU A 44 -4.06 -18.03 -13.63
CA LEU A 44 -3.39 -17.38 -12.49
C LEU A 44 -2.55 -18.44 -11.79
N LYS A 45 -1.29 -18.09 -11.65
CA LYS A 45 -0.30 -18.96 -10.99
C LYS A 45 -0.27 -18.50 -9.53
N PRO A 46 0.39 -19.30 -8.74
CA PRO A 46 0.54 -19.00 -7.31
C PRO A 46 1.61 -17.89 -7.27
N ILE A 47 1.26 -16.91 -6.47
CA ILE A 47 2.21 -15.79 -6.27
C ILE A 47 3.38 -16.35 -5.48
N SER A 48 4.58 -15.91 -5.81
CA SER A 48 5.81 -16.33 -5.12
C SER A 48 6.65 -15.07 -4.83
N VAL A 49 6.97 -14.87 -3.56
CA VAL A 49 7.75 -13.71 -3.11
C VAL A 49 9.10 -14.23 -2.61
N SER A 50 10.17 -13.52 -2.91
CA SER A 50 11.49 -13.98 -2.45
C SER A 50 12.31 -12.73 -2.19
N TYR A 51 12.24 -12.35 -0.92
CA TYR A 51 12.86 -11.19 -0.35
C TYR A 51 14.11 -11.48 0.49
N ASN A 52 15.11 -10.61 0.29
CA ASN A 52 16.38 -10.72 1.05
C ASN A 52 16.29 -9.65 2.16
N PRO A 53 16.34 -10.07 3.40
CA PRO A 53 16.23 -9.15 4.54
C PRO A 53 17.35 -8.12 4.51
N ALA A 54 18.47 -8.51 3.92
CA ALA A 54 19.66 -7.65 3.83
C ALA A 54 19.43 -6.49 2.91
N THR A 55 18.30 -6.48 2.20
CA THR A 55 17.97 -5.37 1.30
C THR A 55 17.12 -4.33 2.04
N ALA A 56 16.70 -4.56 3.27
CA ALA A 56 15.89 -3.49 3.92
C ALA A 56 16.83 -2.32 4.18
N LYS A 57 16.42 -1.07 4.03
CA LYS A 57 17.46 -0.07 4.34
C LYS A 57 16.97 1.07 5.22
N GLU A 58 15.85 1.70 5.01
CA GLU A 58 15.47 2.81 5.92
C GLU A 58 13.96 2.98 6.05
N ILE A 59 13.54 3.69 7.04
CA ILE A 59 12.18 4.04 7.42
C ILE A 59 12.13 5.57 7.41
N ILE A 60 11.15 6.17 6.81
CA ILE A 60 11.09 7.66 6.75
C ILE A 60 9.68 8.17 6.87
N ASN A 61 9.58 9.34 7.50
CA ASN A 61 8.24 10.02 7.68
C ASN A 61 8.08 10.92 6.45
N VAL A 62 7.05 10.61 5.67
CA VAL A 62 6.82 11.38 4.43
C VAL A 62 5.74 12.43 4.65
N GLY A 63 5.33 12.62 5.91
CA GLY A 63 4.32 13.71 6.14
C GLY A 63 2.93 13.17 6.15
N HIS A 64 2.49 12.54 5.07
CA HIS A 64 1.10 11.97 5.00
C HIS A 64 1.17 10.52 5.49
N SER A 65 2.36 9.99 5.68
CA SER A 65 2.53 8.56 6.08
C SER A 65 4.01 8.22 6.31
N PHE A 66 4.33 6.93 6.48
CA PHE A 66 5.72 6.52 6.74
C PHE A 66 6.00 5.34 5.77
N HIS A 67 7.20 5.31 5.27
CA HIS A 67 7.63 4.24 4.30
C HIS A 67 8.86 3.50 4.79
N VAL A 68 8.91 2.21 4.50
CA VAL A 68 10.05 1.32 4.78
C VAL A 68 10.62 1.08 3.36
N ASN A 69 11.76 1.61 3.09
CA ASN A 69 12.46 1.54 1.79
C ASN A 69 13.52 0.44 1.75
N PHE A 70 13.51 -0.15 0.56
CA PHE A 70 14.37 -1.28 0.23
C PHE A 70 15.35 -0.88 -0.86
N GLU A 71 16.48 -1.54 -0.87
CA GLU A 71 17.55 -1.34 -1.87
C GLU A 71 17.05 -2.05 -3.12
N ASP A 72 16.87 -1.33 -4.20
CA ASP A 72 16.36 -1.88 -5.48
C ASP A 72 17.43 -1.78 -6.57
N ASN A 73 18.64 -2.28 -6.35
CA ASN A 73 19.65 -2.14 -7.43
C ASN A 73 19.80 -3.51 -8.09
N ASP A 74 19.32 -4.51 -7.39
CA ASP A 74 19.35 -5.90 -7.77
C ASP A 74 17.93 -6.51 -7.76
N ASN A 75 17.94 -7.75 -8.17
CA ASN A 75 16.79 -8.61 -8.22
C ASN A 75 16.88 -9.51 -7.02
N ARG A 76 17.58 -9.05 -5.99
CA ARG A 76 17.70 -9.85 -4.74
C ARG A 76 16.38 -10.08 -4.03
N SER A 77 15.41 -9.20 -4.15
CA SER A 77 14.09 -9.28 -3.54
C SER A 77 13.04 -9.02 -4.66
N VAL A 78 12.31 -10.08 -4.98
CA VAL A 78 11.32 -10.07 -6.04
C VAL A 78 10.08 -10.93 -5.76
N LEU A 79 9.09 -10.64 -6.58
CA LEU A 79 7.79 -11.22 -6.63
C LEU A 79 7.53 -11.79 -8.03
N LYS A 80 7.03 -13.00 -8.10
CA LYS A 80 6.74 -13.57 -9.45
C LYS A 80 5.46 -14.35 -9.34
N GLY A 81 5.01 -14.83 -10.52
CA GLY A 81 3.79 -15.63 -10.59
C GLY A 81 2.54 -14.83 -10.56
N GLY A 82 1.49 -15.39 -9.92
CA GLY A 82 0.20 -14.62 -9.93
C GLY A 82 -0.07 -14.41 -11.41
N PRO A 83 -0.43 -13.21 -11.84
CA PRO A 83 -0.71 -12.93 -13.25
C PRO A 83 0.43 -12.44 -14.07
N PHE A 84 1.64 -12.50 -13.55
CA PHE A 84 2.80 -11.96 -14.26
C PHE A 84 3.70 -13.00 -14.93
N SER A 85 4.24 -12.49 -16.03
CA SER A 85 5.17 -13.23 -16.87
C SER A 85 6.60 -12.81 -16.51
N ASP A 86 6.76 -11.66 -15.89
CA ASP A 86 8.12 -11.21 -15.50
C ASP A 86 8.26 -11.10 -13.98
N SER A 87 9.44 -10.62 -13.59
CA SER A 87 9.68 -10.45 -12.13
C SER A 87 9.65 -8.97 -11.75
N TYR A 88 9.09 -8.69 -10.58
CA TYR A 88 8.97 -7.31 -10.04
C TYR A 88 9.91 -7.15 -8.86
N ARG A 89 10.65 -6.10 -8.81
CA ARG A 89 11.58 -5.79 -7.72
C ARG A 89 10.93 -4.96 -6.60
N LEU A 90 11.03 -5.46 -5.38
CA LEU A 90 10.54 -4.83 -4.13
C LEU A 90 11.24 -3.52 -3.89
N PHE A 91 10.51 -2.49 -3.52
CA PHE A 91 11.12 -1.19 -3.25
C PHE A 91 10.49 -0.65 -1.96
N GLN A 92 9.31 -1.09 -1.51
CA GLN A 92 8.80 -0.47 -0.29
C GLN A 92 7.56 -1.12 0.27
N PHE A 93 7.28 -0.87 1.54
CA PHE A 93 6.00 -1.33 2.19
C PHE A 93 5.52 -0.08 3.01
N HIS A 94 4.24 0.04 3.23
CA HIS A 94 3.63 1.16 3.99
C HIS A 94 2.19 0.75 4.38
N PHE A 95 1.53 1.56 5.16
CA PHE A 95 0.20 1.33 5.67
C PHE A 95 -0.77 2.45 5.44
N HIS A 96 -2.06 2.11 5.49
CA HIS A 96 -3.15 3.08 5.38
C HIS A 96 -4.03 2.86 6.61
N TRP A 97 -4.59 3.91 7.21
CA TRP A 97 -5.45 3.74 8.40
C TRP A 97 -6.48 4.87 8.44
N GLY A 98 -7.41 4.80 9.36
CA GLY A 98 -8.43 5.85 9.51
C GLY A 98 -8.35 6.44 10.92
N SER A 99 -9.23 7.42 11.08
CA SER A 99 -9.29 8.12 12.40
C SER A 99 -9.96 7.27 13.46
N THR A 100 -10.72 6.28 13.04
CA THR A 100 -11.37 5.34 13.92
C THR A 100 -10.65 4.02 13.67
N ASN A 101 -10.66 3.13 14.63
CA ASN A 101 -9.99 1.83 14.48
C ASN A 101 -10.85 0.88 13.70
N GLU A 102 -12.13 1.16 13.44
CA GLU A 102 -12.92 0.17 12.69
C GLU A 102 -13.01 0.43 11.20
N HIS A 103 -12.90 1.67 10.77
CA HIS A 103 -12.98 2.00 9.35
C HIS A 103 -11.78 2.84 8.91
N GLY A 104 -10.81 2.10 8.32
CA GLY A 104 -9.59 2.72 7.82
C GLY A 104 -8.93 2.05 6.65
N SER A 105 -9.51 1.02 6.05
CA SER A 105 -8.82 0.38 4.89
C SER A 105 -9.11 1.19 3.63
N GLU A 106 -8.44 0.80 2.55
CA GLU A 106 -8.62 1.53 1.26
C GLU A 106 -9.58 0.67 0.45
N HIS A 107 -9.21 -0.57 0.19
CA HIS A 107 -10.09 -1.50 -0.56
C HIS A 107 -11.21 -1.96 0.36
N THR A 108 -12.35 -2.30 -0.17
CA THR A 108 -13.47 -2.80 0.67
C THR A 108 -13.84 -4.18 0.10
N VAL A 109 -14.50 -5.00 0.89
CA VAL A 109 -14.93 -6.33 0.33
C VAL A 109 -16.42 -6.37 0.58
N ASP A 110 -17.20 -6.68 -0.44
CA ASP A 110 -18.66 -6.71 -0.28
C ASP A 110 -19.18 -5.48 0.48
N GLY A 111 -18.60 -4.33 0.23
CA GLY A 111 -18.97 -3.09 0.84
C GLY A 111 -18.57 -2.87 2.27
N VAL A 112 -17.76 -3.74 2.80
CA VAL A 112 -17.26 -3.72 4.18
C VAL A 112 -15.83 -3.17 4.16
N LYS A 113 -15.66 -2.15 5.03
CA LYS A 113 -14.39 -1.44 5.24
C LYS A 113 -13.68 -2.08 6.41
N TYR A 114 -12.41 -2.43 6.23
CA TYR A 114 -11.64 -3.05 7.32
C TYR A 114 -11.02 -1.93 8.13
N SER A 115 -10.19 -2.23 9.09
CA SER A 115 -9.54 -1.27 9.99
C SER A 115 -8.27 -0.61 9.45
N ALA A 116 -7.51 -1.27 8.58
CA ALA A 116 -6.28 -0.70 8.01
C ALA A 116 -5.86 -1.56 6.83
N GLU A 117 -4.77 -1.21 6.16
CA GLU A 117 -4.27 -1.93 4.99
C GLU A 117 -2.77 -1.85 4.86
N LEU A 118 -2.08 -2.91 4.55
CA LEU A 118 -0.66 -2.99 4.33
C LEU A 118 -0.46 -2.98 2.80
N HIS A 119 0.47 -2.24 2.27
CA HIS A 119 0.72 -2.19 0.80
C HIS A 119 2.22 -2.53 0.63
N VAL A 120 2.56 -3.52 -0.17
CA VAL A 120 3.96 -3.94 -0.42
C VAL A 120 4.10 -3.81 -1.96
N ALA A 121 4.74 -2.80 -2.40
CA ALA A 121 4.96 -2.30 -3.75
C ALA A 121 6.24 -2.77 -4.37
N HIS A 122 6.10 -3.03 -5.67
CA HIS A 122 7.16 -3.49 -6.52
C HIS A 122 7.13 -2.89 -7.92
N TRP A 123 8.30 -2.82 -8.57
CA TRP A 123 8.30 -2.29 -9.95
C TRP A 123 8.92 -3.34 -10.91
N ASN A 124 8.54 -3.22 -12.14
CA ASN A 124 8.90 -4.00 -13.33
C ASN A 124 10.34 -3.71 -13.82
N SER A 125 11.29 -4.43 -13.33
CA SER A 125 12.71 -4.41 -13.58
C SER A 125 12.98 -5.13 -14.92
N ALA A 126 12.02 -6.00 -15.27
CA ALA A 126 12.21 -6.72 -16.55
C ALA A 126 11.89 -5.82 -17.72
N LYS A 127 11.07 -4.81 -17.61
CA LYS A 127 10.71 -3.91 -18.70
C LYS A 127 11.24 -2.49 -18.63
N TYR A 128 11.47 -1.93 -17.46
CA TYR A 128 11.94 -0.54 -17.34
C TYR A 128 13.30 -0.46 -16.68
N SER A 129 13.99 0.64 -16.80
CA SER A 129 15.31 0.92 -16.24
C SER A 129 15.32 1.33 -14.77
N SER A 130 14.22 2.01 -14.37
CA SER A 130 14.13 2.49 -12.97
C SER A 130 12.66 2.57 -12.55
N LEU A 131 12.51 2.83 -11.26
CA LEU A 131 11.15 2.94 -10.69
C LEU A 131 10.38 4.11 -11.33
N ALA A 132 11.09 5.20 -11.43
CA ALA A 132 10.70 6.49 -11.99
C ALA A 132 10.04 6.41 -13.35
N GLU A 133 10.60 5.59 -14.21
CA GLU A 133 10.08 5.38 -15.60
C GLU A 133 8.83 4.54 -15.57
N ALA A 134 8.92 3.45 -14.81
CA ALA A 134 7.84 2.47 -14.70
C ALA A 134 6.59 2.98 -14.04
N ALA A 135 6.76 3.82 -13.06
CA ALA A 135 5.72 4.41 -12.22
C ALA A 135 4.50 4.89 -12.99
N SER A 136 4.76 5.37 -14.18
CA SER A 136 3.70 5.90 -15.03
C SER A 136 3.25 4.97 -16.15
N LYS A 137 3.87 3.78 -16.27
CA LYS A 137 3.48 2.86 -17.34
C LYS A 137 2.37 1.94 -16.86
N ALA A 138 1.58 1.32 -17.73
CA ALA A 138 0.48 0.44 -17.32
C ALA A 138 0.94 -0.80 -16.60
N ASP A 139 2.02 -1.44 -16.97
CA ASP A 139 2.55 -2.66 -16.29
C ASP A 139 3.72 -2.32 -15.39
N GLY A 140 3.87 -1.06 -15.08
CA GLY A 140 4.95 -0.58 -14.25
C GLY A 140 5.12 -1.07 -12.84
N LEU A 141 4.03 -1.08 -12.08
CA LEU A 141 4.06 -1.45 -10.67
C LEU A 141 3.11 -2.55 -10.33
N ALA A 142 3.42 -3.27 -9.29
CA ALA A 142 2.61 -4.35 -8.73
C ALA A 142 2.62 -4.11 -7.19
N VAL A 143 1.43 -4.03 -6.63
CA VAL A 143 1.27 -3.84 -5.21
C VAL A 143 0.43 -4.95 -4.55
N ILE A 144 0.97 -5.50 -3.49
CA ILE A 144 0.24 -6.53 -2.72
C ILE A 144 -0.51 -5.73 -1.62
N GLY A 145 -1.80 -6.00 -1.49
CA GLY A 145 -2.64 -5.35 -0.47
C GLY A 145 -3.16 -6.38 0.50
N VAL A 146 -3.07 -6.07 1.80
CA VAL A 146 -3.55 -7.01 2.85
C VAL A 146 -4.40 -6.17 3.79
N LEU A 147 -5.62 -6.58 3.92
CA LEU A 147 -6.61 -5.96 4.81
C LEU A 147 -6.23 -6.33 6.25
N MET A 148 -6.42 -5.38 7.13
CA MET A 148 -6.09 -5.54 8.57
C MET A 148 -7.42 -5.39 9.33
N LYS A 149 -7.67 -6.34 10.19
CA LYS A 149 -8.91 -6.40 11.01
C LYS A 149 -8.57 -6.16 12.48
N VAL A 150 -9.25 -5.20 13.10
CA VAL A 150 -8.97 -4.90 14.52
C VAL A 150 -9.33 -6.08 15.37
N GLY A 151 -8.40 -6.40 16.27
CA GLY A 151 -8.62 -7.55 17.18
C GLY A 151 -7.39 -7.66 18.12
N GLU A 152 -6.91 -8.88 18.14
CA GLU A 152 -5.73 -9.30 18.89
C GLU A 152 -4.48 -8.62 18.32
N ALA A 153 -3.56 -8.24 19.19
CA ALA A 153 -2.30 -7.59 18.85
C ALA A 153 -1.50 -8.47 17.91
N ASN A 154 -0.86 -7.79 16.94
CA ASN A 154 -0.05 -8.57 15.95
C ASN A 154 1.43 -8.44 16.29
N PRO A 155 2.01 -9.48 16.87
CA PRO A 155 3.39 -9.51 17.28
C PRO A 155 4.40 -9.21 16.18
N LYS A 156 4.11 -9.64 14.98
CA LYS A 156 4.89 -9.46 13.79
C LYS A 156 5.21 -7.98 13.46
N LEU A 157 4.35 -7.08 13.87
CA LEU A 157 4.52 -5.65 13.61
C LEU A 157 5.48 -4.91 14.52
N GLN A 158 5.86 -5.51 15.63
CA GLN A 158 6.72 -4.92 16.64
C GLN A 158 7.94 -4.16 16.15
N LYS A 159 8.76 -4.76 15.30
CA LYS A 159 9.98 -4.11 14.80
C LYS A 159 9.63 -2.79 14.11
N VAL A 160 8.52 -2.79 13.35
CA VAL A 160 8.07 -1.56 12.63
C VAL A 160 7.65 -0.52 13.68
N LEU A 161 6.86 -0.90 14.65
CA LEU A 161 6.44 0.11 15.67
C LEU A 161 7.60 0.60 16.54
N ASP A 162 8.53 -0.23 16.95
CA ASP A 162 9.63 0.23 17.80
C ASP A 162 10.42 1.30 17.04
N ALA A 163 10.42 1.12 15.74
CA ALA A 163 11.20 2.01 14.87
C ALA A 163 10.66 3.42 14.78
N LEU A 164 9.37 3.60 14.86
CA LEU A 164 8.61 4.82 14.77
C LEU A 164 9.10 5.92 15.71
N GLN A 165 9.60 5.53 16.87
CA GLN A 165 10.08 6.52 17.86
C GLN A 165 11.18 7.37 17.24
N ALA A 166 11.87 6.90 16.23
CA ALA A 166 12.96 7.71 15.63
C ALA A 166 12.55 8.56 14.45
N ILE A 167 11.31 8.43 13.97
CA ILE A 167 10.81 9.21 12.82
C ILE A 167 9.51 9.92 13.14
N LYS A 168 9.43 10.46 14.34
CA LYS A 168 8.22 11.16 14.82
C LYS A 168 7.75 12.26 13.91
N THR A 169 8.65 13.08 13.39
CA THR A 169 8.34 14.20 12.51
C THR A 169 8.75 14.08 11.05
N LYS A 170 8.06 14.86 10.25
CA LYS A 170 8.23 14.92 8.78
C LYS A 170 9.67 15.17 8.38
N GLY A 171 10.07 14.20 7.52
CA GLY A 171 11.40 14.16 6.96
C GLY A 171 12.43 13.46 7.78
N LYS A 172 12.11 12.94 8.96
CA LYS A 172 13.17 12.23 9.70
C LYS A 172 13.29 10.86 8.98
N ARG A 173 14.46 10.31 9.06
CA ARG A 173 14.78 8.99 8.50
C ARG A 173 15.65 8.21 9.49
N ALA A 174 15.64 6.89 9.39
CA ALA A 174 16.47 6.02 10.23
C ALA A 174 16.76 4.69 9.53
N PRO A 175 17.94 4.16 9.78
CA PRO A 175 18.36 2.87 9.22
C PRO A 175 17.35 1.86 9.75
N PHE A 176 16.89 0.95 8.93
CA PHE A 176 15.89 -0.11 9.21
C PHE A 176 16.45 -1.30 8.44
N THR A 177 17.00 -2.29 9.13
CA THR A 177 17.67 -3.36 8.39
C THR A 177 17.32 -4.75 8.77
N ASN A 178 17.84 -5.67 8.01
CA ASN A 178 17.61 -7.12 8.20
C ASN A 178 16.17 -7.46 8.48
N PHE A 179 15.31 -7.27 7.49
CA PHE A 179 13.88 -7.55 7.68
C PHE A 179 13.22 -8.01 6.40
N ASP A 180 12.46 -9.08 6.55
CA ASP A 180 11.70 -9.67 5.43
C ASP A 180 10.19 -9.41 5.60
N PRO A 181 9.69 -8.56 4.69
CA PRO A 181 8.28 -8.18 4.75
C PRO A 181 7.32 -9.32 4.47
N SER A 182 7.77 -10.47 4.04
CA SER A 182 6.91 -11.63 3.78
C SER A 182 6.39 -12.19 5.12
N THR A 183 7.04 -11.86 6.21
CA THR A 183 6.67 -12.27 7.57
C THR A 183 5.34 -11.58 7.95
N LEU A 184 4.95 -10.57 7.15
CA LEU A 184 3.73 -9.79 7.38
C LEU A 184 2.50 -10.30 6.67
N LEU A 185 2.75 -11.09 5.67
CA LEU A 185 1.68 -11.67 4.82
C LEU A 185 1.02 -12.84 5.53
N PRO A 186 -0.29 -13.01 5.28
CA PRO A 186 -1.09 -14.10 5.82
C PRO A 186 -0.65 -15.47 5.33
N SER A 187 -1.06 -16.58 5.91
CA SER A 187 -0.61 -17.90 5.37
C SER A 187 -1.05 -18.06 3.92
N SER A 188 -2.34 -18.06 3.65
CA SER A 188 -2.99 -18.21 2.35
C SER A 188 -2.32 -17.68 1.10
N LEU A 189 -2.42 -18.42 -0.01
CA LEU A 189 -1.92 -17.98 -1.29
C LEU A 189 -3.11 -17.54 -2.15
N ASP A 190 -4.34 -17.51 -1.71
CA ASP A 190 -5.43 -17.07 -2.63
C ASP A 190 -5.50 -15.55 -2.68
N PHE A 191 -5.99 -15.04 -3.80
CA PHE A 191 -6.08 -13.57 -4.00
C PHE A 191 -7.04 -13.15 -5.09
N TRP A 192 -7.28 -11.84 -5.13
CA TRP A 192 -8.07 -11.16 -6.16
C TRP A 192 -7.04 -10.23 -6.87
N THR A 193 -7.27 -9.94 -8.15
CA THR A 193 -6.37 -9.07 -8.91
C THR A 193 -7.18 -8.22 -9.87
N TYR A 194 -6.74 -6.99 -10.10
CA TYR A 194 -7.38 -6.04 -11.03
C TYR A 194 -6.39 -4.95 -11.38
N PRO A 195 -6.53 -4.32 -12.53
CA PRO A 195 -5.68 -3.22 -12.96
C PRO A 195 -6.17 -1.95 -12.30
N GLY A 196 -5.25 -1.19 -11.72
CA GLY A 196 -5.75 0.08 -11.08
C GLY A 196 -4.62 1.08 -11.07
N SER A 197 -4.65 1.90 -10.04
CA SER A 197 -3.67 2.94 -9.81
C SER A 197 -3.18 3.05 -8.40
N LEU A 198 -2.35 4.10 -8.31
CA LEU A 198 -1.75 4.58 -7.07
C LEU A 198 -3.01 5.16 -6.37
N THR A 199 -3.09 5.03 -5.09
CA THR A 199 -4.27 5.52 -4.33
C THR A 199 -4.06 6.95 -3.89
N HIS A 200 -2.93 7.51 -4.30
CA HIS A 200 -2.76 8.96 -3.98
C HIS A 200 -1.87 9.61 -5.03
N PRO A 201 -2.02 10.93 -5.10
CA PRO A 201 -1.21 11.68 -6.09
C PRO A 201 0.21 11.14 -6.20
N PRO A 202 0.75 11.09 -7.42
CA PRO A 202 0.17 11.49 -8.69
C PRO A 202 -0.91 10.63 -9.30
N LEU A 203 -1.44 9.61 -8.60
CA LEU A 203 -2.50 8.75 -9.08
C LEU A 203 -2.31 8.03 -10.39
N TYR A 204 -1.13 7.74 -10.87
CA TYR A 204 -0.92 7.01 -12.14
C TYR A 204 -1.65 5.69 -12.23
N GLU A 205 -2.14 5.38 -13.43
CA GLU A 205 -2.86 4.08 -13.64
C GLU A 205 -1.84 3.07 -14.08
N SER A 206 -0.91 2.79 -13.09
CA SER A 206 0.20 1.88 -13.41
C SER A 206 0.39 0.68 -12.54
N VAL A 207 -0.60 0.30 -11.79
CA VAL A 207 -0.61 -0.75 -10.84
C VAL A 207 -1.58 -1.89 -11.13
N THR A 208 -1.00 -3.04 -11.02
CA THR A 208 -1.66 -4.31 -11.11
C THR A 208 -1.72 -4.75 -9.61
N TRP A 209 -2.86 -4.65 -9.03
CA TRP A 209 -3.16 -4.97 -7.64
C TRP A 209 -3.35 -6.42 -7.32
N ILE A 210 -2.80 -6.81 -6.19
CA ILE A 210 -2.96 -8.21 -5.69
C ILE A 210 -3.66 -8.11 -4.33
N ILE A 211 -4.89 -8.44 -4.12
CA ILE A 211 -5.54 -8.35 -2.80
C ILE A 211 -5.60 -9.81 -2.26
N CYS A 212 -5.01 -9.95 -1.08
CA CYS A 212 -4.94 -11.24 -0.39
C CYS A 212 -6.33 -11.53 0.10
N LYS A 213 -6.71 -12.79 0.00
CA LYS A 213 -8.05 -13.22 0.41
C LYS A 213 -8.23 -13.28 1.92
N GLU A 214 -7.13 -13.42 2.62
CA GLU A 214 -7.10 -13.54 4.12
C GLU A 214 -6.60 -12.24 4.70
N SER A 215 -7.20 -11.82 5.83
CA SER A 215 -6.80 -10.52 6.44
C SER A 215 -5.82 -10.84 7.57
N ILE A 216 -5.21 -9.86 8.17
CA ILE A 216 -4.28 -10.14 9.31
C ILE A 216 -4.86 -9.33 10.47
N SER A 217 -4.44 -9.55 11.69
CA SER A 217 -4.98 -8.76 12.81
C SER A 217 -4.01 -7.61 13.15
N VAL A 218 -4.51 -6.71 13.97
CA VAL A 218 -3.83 -5.54 14.52
C VAL A 218 -4.66 -5.11 15.75
N SER A 219 -4.06 -4.46 16.75
CA SER A 219 -4.97 -4.09 17.90
C SER A 219 -5.08 -2.56 17.84
N SER A 220 -6.03 -2.08 18.65
CA SER A 220 -6.29 -0.65 18.73
C SER A 220 -5.08 0.14 19.23
N GLU A 221 -4.29 -0.42 20.11
CA GLU A 221 -3.12 0.34 20.59
C GLU A 221 -2.07 0.31 19.52
N GLN A 222 -2.10 -0.71 18.67
CA GLN A 222 -1.09 -0.72 17.59
C GLN A 222 -1.36 0.41 16.62
N LEU A 223 -2.64 0.58 16.28
CA LEU A 223 -3.13 1.57 15.36
C LEU A 223 -3.01 2.99 15.92
N ALA A 224 -3.06 3.05 17.25
CA ALA A 224 -2.95 4.38 17.88
C ALA A 224 -1.54 4.87 17.78
N GLN A 225 -0.59 3.97 17.59
CA GLN A 225 0.85 4.28 17.45
C GLN A 225 1.08 4.91 16.07
N PHE A 226 0.32 4.41 15.09
CA PHE A 226 0.41 4.92 13.73
C PHE A 226 -0.04 6.36 13.74
N ARG A 227 -1.21 6.48 14.35
CA ARG A 227 -1.89 7.79 14.46
C ARG A 227 -1.12 8.81 15.30
N SER A 228 -0.15 8.42 16.07
CA SER A 228 0.62 9.33 16.92
C SER A 228 1.75 10.04 16.16
N LEU A 229 2.22 9.53 15.05
CA LEU A 229 3.29 10.20 14.28
C LEU A 229 2.73 11.57 13.89
N LEU A 230 3.55 12.49 13.51
CA LEU A 230 3.17 13.86 13.13
C LEU A 230 3.50 14.28 11.73
N SER A 231 2.71 15.18 11.14
CA SER A 231 3.06 15.57 9.74
C SER A 231 3.87 16.82 9.64
N ASN A 232 4.04 17.55 10.70
CA ASN A 232 4.82 18.80 10.79
C ASN A 232 6.31 18.48 10.88
N VAL A 233 7.12 19.48 10.69
CA VAL A 233 8.59 19.30 10.80
C VAL A 233 8.84 19.48 12.30
N GLU A 234 9.98 19.05 12.77
CA GLU A 234 10.39 19.17 14.18
C GLU A 234 10.46 20.61 14.59
N GLY A 235 9.95 20.98 15.73
CA GLY A 235 9.99 22.40 16.18
C GLY A 235 8.67 23.12 16.00
N ASP A 236 7.83 22.69 15.10
CA ASP A 236 6.51 23.26 14.84
C ASP A 236 5.46 22.64 15.80
N ASN A 237 4.25 23.20 15.69
CA ASN A 237 3.11 22.74 16.49
C ASN A 237 2.76 21.35 15.97
N ALA A 238 2.37 20.40 16.81
CA ALA A 238 2.01 19.01 16.57
C ALA A 238 0.74 18.78 15.78
N VAL A 239 0.88 18.17 14.58
CA VAL A 239 -0.27 17.86 13.71
C VAL A 239 -0.19 16.33 13.45
N PRO A 240 -1.12 15.63 14.07
CA PRO A 240 -1.12 14.14 13.99
C PRO A 240 -1.57 13.58 12.67
N MET A 241 -0.90 12.49 12.26
CA MET A 241 -1.29 11.84 10.94
C MET A 241 -2.53 10.96 11.34
N GLN A 242 -3.65 11.59 11.39
CA GLN A 242 -4.95 11.05 11.78
C GLN A 242 -5.57 10.05 10.82
N HIS A 243 -5.36 10.26 9.55
CA HIS A 243 -5.87 9.35 8.53
C HIS A 243 -5.22 9.64 7.17
N ASN A 244 -5.15 8.54 6.39
CA ASN A 244 -4.60 8.60 5.01
C ASN A 244 -5.24 7.51 4.17
N ASN A 245 -6.53 7.43 4.12
CA ASN A 245 -7.22 6.41 3.32
C ASN A 245 -8.16 7.09 2.32
N ARG A 246 -7.99 6.67 1.04
CA ARG A 246 -8.89 7.30 0.04
C ARG A 246 -10.15 6.46 -0.13
N PRO A 247 -11.19 7.16 -0.53
CA PRO A 247 -12.50 6.52 -0.85
C PRO A 247 -12.43 5.59 -2.06
N THR A 248 -13.24 4.52 -2.05
CA THR A 248 -13.28 3.57 -3.17
C THR A 248 -13.85 4.30 -4.41
N GLN A 249 -13.32 3.81 -5.55
CA GLN A 249 -13.75 4.45 -6.82
C GLN A 249 -14.50 3.50 -7.72
N PRO A 250 -15.25 4.09 -8.68
CA PRO A 250 -16.00 3.33 -9.67
C PRO A 250 -15.12 2.40 -10.51
N LEU A 251 -15.62 1.21 -10.72
CA LEU A 251 -14.94 0.18 -11.53
C LEU A 251 -14.88 0.53 -13.00
N LYS A 252 -15.91 1.22 -13.50
CA LYS A 252 -15.94 1.62 -14.92
C LYS A 252 -15.65 0.43 -15.82
N GLY A 253 -16.21 -0.70 -15.48
CA GLY A 253 -16.13 -1.90 -16.19
C GLY A 253 -14.95 -2.81 -16.22
N ARG A 254 -14.08 -2.68 -15.26
CA ARG A 254 -12.92 -3.46 -15.03
C ARG A 254 -13.43 -4.80 -14.45
N THR A 255 -12.59 -5.80 -14.53
CA THR A 255 -12.97 -7.12 -13.99
C THR A 255 -12.09 -7.53 -12.82
N VAL A 256 -12.67 -7.93 -11.69
CA VAL A 256 -11.82 -8.43 -10.59
C VAL A 256 -11.74 -9.97 -10.76
N ARG A 257 -10.49 -10.40 -10.96
CA ARG A 257 -10.24 -11.83 -11.15
C ARG A 257 -9.89 -12.44 -9.80
N ALA A 258 -10.13 -13.72 -9.68
CA ALA A 258 -9.84 -14.43 -8.43
C ALA A 258 -9.05 -15.69 -8.79
N SER A 259 -8.17 -16.08 -7.90
CA SER A 259 -7.32 -17.26 -8.02
C SER A 259 -8.07 -18.52 -7.55
N PHE A 260 -9.30 -18.32 -7.13
CA PHE A 260 -10.08 -19.47 -6.63
C PHE A 260 -11.53 -19.35 -7.07
#